data_6EVC
#
_entry.id   6EVC
#
_cell.length_a   96.240
_cell.length_b   64.330
_cell.length_c   88.100
_cell.angle_alpha   90.00
_cell.angle_beta   90.00
_cell.angle_gamma   90.00
#
_symmetry.space_group_name_H-M   'P 21 21 2'
#
loop_
_entity.id
_entity.type
_entity.pdbx_description
1 polymer 'Ferulic acid decarboxylase 1'
2 non-polymer '1-deoxy-5-O-phosphono-1-(3,3,4,5-tetramethyl-9,11-dioxo-2,3,8,9,10,11-hexahydro-7H-quinolino[1,8-fg]pteridin-12-ium-7-y l)-D-ribitol'
3 non-polymer 'MANGANESE (II) ION'
4 non-polymer 'POTASSIUM ION'
5 non-polymer 'penta-fluorocinnamic acid'
6 water water
#
_entity_poly.entity_id   1
_entity_poly.type   'polypeptide(L)'
_entity_poly.pdbx_seq_one_letter_code
;MSAQPAHLCFRSFVEALKVDNDLVEINTPIDPNLEAAAITRRVCETNDKAPLFNNLIGMKNGLFRILGAPGSLRKSSADR
YGRLARHLALPPTASMREILDKMLSASDMPPIPPTIVPTGPCKENSLDDSEFDLTELPVPLIHKSDGGKYIQTYGMHIVQ
SPDGTWTNWSIARAMVHDKNHLTGLVIPPQHIWQIHQMWKKEGRSDVPWALAFGVPPAAIMASSMPIPDGVTEAGYVGAM
TGSSLELVKCDTNDLYVPATSEIVLEGTLSISETGPEGPFGQMHGYIFPGDTHLGAKYKVNRITYRNNAIMPMSSCGRLT
DETHTMIGSLAAAEIRKLCQQNDLPITDAFAPFESQVTWVALRVDTEKLRAMKTTSEGFRKRVGDVVFNHKAGYTIHRLV
LVGDDIDVYEGKDVLWAFSTRCRPGMDETLFEDVRGFPLIPYMGHGNGPAHRGGKVVSDALMPTEYTTGRNWEAADFNQS
YPEDLKQKVLDNWTKMGFSNLEHHHHHH
;
_entity_poly.pdbx_strand_id   A
#
loop_
_chem_comp.id
_chem_comp.type
_chem_comp.name
_chem_comp.formula
4LU non-polymer '1-deoxy-5-O-phosphono-1-(3,3,4,5-tetramethyl-9,11-dioxo-2,3,8,9,10,11-hexahydro-7H-quinolino[1,8-fg]pteridin-12-ium-7-y l)-D-ribitol' 'C22 H30 N4 O9 P 1'
F5C non-polymer 'penta-fluorocinnamic acid' 'C9 H3 F5 O2'
K non-polymer 'POTASSIUM ION' 'K 1'
MN non-polymer 'MANGANESE (II) ION' 'Mn 2'
#
# COMPACT_ATOMS: atom_id res chain seq x y z
N GLN A 4 -2.81 22.10 -11.53
CA GLN A 4 -2.16 20.81 -11.91
C GLN A 4 -3.23 19.70 -11.68
N PRO A 5 -3.12 18.67 -12.47
CA PRO A 5 -4.05 17.55 -12.25
C PRO A 5 -3.92 16.85 -10.90
N ALA A 6 -5.04 16.35 -10.38
CA ALA A 6 -5.06 15.64 -9.06
C ALA A 6 -4.05 14.53 -8.97
N HIS A 7 -3.79 13.75 -9.96
CA HIS A 7 -2.85 12.65 -9.81
C HIS A 7 -1.41 13.09 -9.81
N LEU A 8 -1.14 14.36 -10.18
CA LEU A 8 0.19 14.94 -10.21
C LEU A 8 0.46 15.94 -9.18
N CYS A 9 -0.43 16.28 -8.31
CA CYS A 9 -0.27 17.33 -7.30
C CYS A 9 -1.20 17.04 -6.14
N PHE A 10 -0.59 16.84 -4.93
CA PHE A 10 -1.38 16.52 -3.75
C PHE A 10 -2.40 17.58 -3.41
N ARG A 11 -2.01 18.86 -3.55
CA ARG A 11 -2.94 19.92 -3.24
C ARG A 11 -4.20 19.83 -4.08
N SER A 12 -4.02 19.54 -5.37
CA SER A 12 -5.15 19.33 -6.31
C SER A 12 -5.94 18.08 -5.97
N PHE A 13 -5.29 17.01 -5.47
CA PHE A 13 -5.97 15.80 -4.99
C PHE A 13 -6.92 16.10 -3.86
N VAL A 14 -6.46 16.93 -2.91
CA VAL A 14 -7.36 17.33 -1.78
C VAL A 14 -8.61 18.04 -2.32
N GLU A 15 -8.41 18.94 -3.31
N GLU A 15 -8.37 18.98 -3.24
CA GLU A 15 -9.57 19.60 -3.97
CA GLU A 15 -9.49 19.67 -3.84
C GLU A 15 -10.48 18.61 -4.62
C GLU A 15 -10.40 18.72 -4.61
N ALA A 16 -9.88 17.64 -5.29
CA ALA A 16 -10.71 16.65 -5.93
C ALA A 16 -11.58 15.91 -4.93
N LEU A 17 -11.05 15.54 -3.76
CA LEU A 17 -11.84 14.89 -2.78
C LEU A 17 -13.01 15.79 -2.29
N LYS A 18 -12.74 17.04 -2.11
N LYS A 18 -12.69 17.06 -2.12
CA LYS A 18 -13.83 17.98 -1.81
CA LYS A 18 -13.69 18.08 -1.79
C LYS A 18 -14.92 17.99 -2.81
C LYS A 18 -14.83 18.13 -2.82
N VAL A 19 -14.46 18.33 -4.03
N VAL A 19 -14.56 17.97 -4.12
CA VAL A 19 -15.44 18.32 -5.13
CA VAL A 19 -15.66 18.15 -5.09
C VAL A 19 -16.24 17.06 -5.19
C VAL A 19 -16.32 16.86 -5.34
N ASP A 20 -15.70 15.82 -4.92
CA ASP A 20 -16.35 14.56 -4.89
C ASP A 20 -17.37 14.33 -3.73
N ASN A 21 -17.41 15.35 -2.84
CA ASN A 21 -18.16 15.16 -1.59
C ASN A 21 -17.64 13.96 -0.78
N ASP A 22 -16.28 13.92 -0.75
CA ASP A 22 -15.52 12.84 -0.09
C ASP A 22 -14.58 13.36 0.96
N LEU A 23 -14.74 14.60 1.40
N LEU A 23 -14.92 14.45 1.58
CA LEU A 23 -13.88 15.30 2.41
CA LEU A 23 -13.96 15.11 2.48
C LEU A 23 -14.77 15.88 3.47
C LEU A 23 -14.63 16.05 3.43
N VAL A 24 -14.32 15.88 4.71
CA VAL A 24 -14.86 16.70 5.81
C VAL A 24 -13.76 17.59 6.33
N GLU A 25 -13.93 18.89 6.17
CA GLU A 25 -12.98 19.88 6.72
C GLU A 25 -13.32 20.23 8.15
N ILE A 26 -12.37 20.08 9.03
N ILE A 26 -12.43 19.96 9.09
CA ILE A 26 -12.62 20.27 10.47
CA ILE A 26 -12.61 20.24 10.52
C ILE A 26 -11.74 21.50 10.78
C ILE A 26 -11.74 21.49 10.83
N ASN A 27 -12.42 22.64 11.07
CA ASN A 27 -11.75 23.94 11.23
C ASN A 27 -11.66 24.35 12.72
N THR A 28 -12.16 23.59 13.61
CA THR A 28 -12.01 23.85 15.07
C THR A 28 -10.81 23.12 15.61
N PRO A 29 -10.23 23.41 16.74
CA PRO A 29 -8.99 22.76 17.16
C PRO A 29 -9.12 21.31 17.42
N ILE A 30 -8.14 20.56 16.86
CA ILE A 30 -8.06 19.09 17.04
C ILE A 30 -6.69 18.77 17.57
N ASP A 31 -6.59 17.88 18.53
CA ASP A 31 -5.31 17.54 19.14
C ASP A 31 -4.56 16.47 18.32
N PRO A 32 -3.33 16.67 17.91
CA PRO A 32 -2.54 15.59 17.30
C PRO A 32 -2.24 14.51 18.25
N ASN A 33 -2.32 14.71 19.56
CA ASN A 33 -2.18 13.62 20.49
C ASN A 33 -3.47 12.83 20.56
N LEU A 34 -3.51 11.75 19.75
CA LEU A 34 -4.58 10.80 19.63
C LEU A 34 -5.86 11.25 18.95
N GLU A 35 -6.34 12.49 19.09
CA GLU A 35 -7.68 12.81 18.60
C GLU A 35 -7.77 12.76 17.07
N ALA A 36 -6.78 13.35 16.38
CA ALA A 36 -6.85 13.31 14.89
C ALA A 36 -6.83 11.83 14.41
N ALA A 37 -5.97 11.02 15.02
CA ALA A 37 -5.90 9.60 14.59
C ALA A 37 -7.15 8.84 15.00
N ALA A 38 -7.82 9.14 16.10
CA ALA A 38 -9.03 8.43 16.50
C ALA A 38 -10.15 8.71 15.58
N ILE A 39 -10.30 9.98 15.13
CA ILE A 39 -11.28 10.35 14.17
C ILE A 39 -10.97 9.59 12.85
N THR A 40 -9.73 9.60 12.43
CA THR A 40 -9.32 8.91 11.16
C THR A 40 -9.57 7.40 11.28
N ARG A 41 -9.30 6.81 12.43
CA ARG A 41 -9.55 5.37 12.66
C ARG A 41 -10.99 5.06 12.47
N ARG A 42 -11.87 5.89 13.07
N ARG A 42 -11.91 5.86 13.05
CA ARG A 42 -13.30 5.70 12.94
CA ARG A 42 -13.34 5.58 12.88
C ARG A 42 -13.77 5.79 11.51
C ARG A 42 -13.81 5.81 11.45
N VAL A 43 -13.23 6.78 10.77
CA VAL A 43 -13.50 6.92 9.34
C VAL A 43 -13.14 5.61 8.63
N CYS A 44 -11.93 5.09 8.87
CA CYS A 44 -11.47 3.86 8.18
C CYS A 44 -12.32 2.64 8.49
N GLU A 45 -12.81 2.54 9.74
CA GLU A 45 -13.63 1.38 10.12
C GLU A 45 -15.01 1.51 9.61
N THR A 46 -15.47 2.67 9.14
CA THR A 46 -16.83 2.90 8.68
C THR A 46 -16.90 3.35 7.24
N ASN A 47 -15.78 3.42 6.53
CA ASN A 47 -15.73 3.91 5.14
C ASN A 47 -16.33 5.29 4.95
N ASP A 48 -16.09 6.18 5.92
CA ASP A 48 -16.60 7.55 5.81
C ASP A 48 -15.69 8.41 5.00
N LYS A 49 -16.06 9.71 4.86
CA LYS A 49 -15.29 10.72 4.12
C LYS A 49 -13.94 10.97 4.78
N ALA A 50 -12.96 11.35 3.99
CA ALA A 50 -11.63 11.62 4.50
C ALA A 50 -11.65 12.89 5.35
N PRO A 51 -11.00 12.91 6.50
CA PRO A 51 -10.94 14.17 7.34
C PRO A 51 -9.77 15.01 7.01
N LEU A 52 -9.98 16.32 6.88
CA LEU A 52 -8.92 17.32 6.71
C LEU A 52 -8.90 18.20 8.00
N PHE A 53 -7.86 18.11 8.75
CA PHE A 53 -7.74 18.88 10.02
C PHE A 53 -6.98 20.15 9.71
N ASN A 54 -7.74 21.27 9.62
CA ASN A 54 -7.23 22.61 9.26
C ASN A 54 -6.77 23.34 10.50
N ASN A 55 -7.02 22.89 11.66
CA ASN A 55 -6.71 23.66 12.93
C ASN A 55 -6.14 22.69 13.93
N LEU A 56 -4.90 22.29 13.73
N LEU A 56 -4.89 22.25 13.72
CA LEU A 56 -4.30 21.24 14.47
CA LEU A 56 -4.23 21.28 14.64
C LEU A 56 -3.55 21.90 15.66
C LEU A 56 -3.56 21.96 15.73
N ILE A 57 -3.80 21.52 16.92
CA ILE A 57 -3.18 22.11 18.15
C ILE A 57 -1.69 21.89 18.04
N GLY A 58 -0.91 22.97 18.03
CA GLY A 58 0.55 22.88 17.86
C GLY A 58 1.05 23.31 16.51
N MET A 59 0.19 23.51 15.54
N MET A 59 0.16 23.53 15.56
CA MET A 59 0.62 24.06 14.22
CA MET A 59 0.57 24.11 14.26
C MET A 59 1.14 25.47 14.36
C MET A 59 1.31 25.43 14.55
N LYS A 60 2.31 25.66 13.79
CA LYS A 60 3.05 27.01 13.91
C LYS A 60 3.73 27.25 12.58
N ASN A 61 3.61 28.51 12.14
CA ASN A 61 4.33 28.96 10.95
C ASN A 61 4.11 28.03 9.80
N GLY A 62 2.95 27.54 9.68
CA GLY A 62 2.57 26.79 8.52
C GLY A 62 2.75 25.30 8.65
N LEU A 63 3.34 24.80 9.71
CA LEU A 63 3.59 23.35 9.82
C LEU A 63 2.69 22.84 10.99
N PHE A 64 1.65 22.04 10.75
CA PHE A 64 1.09 21.61 9.46
C PHE A 64 -0.38 21.27 9.70
N ARG A 65 -1.17 21.15 8.65
CA ARG A 65 -2.52 20.57 8.64
C ARG A 65 -2.36 19.04 8.43
N ILE A 66 -3.39 18.25 8.67
CA ILE A 66 -3.31 16.78 8.39
C ILE A 66 -4.49 16.37 7.51
N LEU A 67 -4.22 15.54 6.52
CA LEU A 67 -5.31 14.78 5.82
C LEU A 67 -5.25 13.33 6.22
N GLY A 68 -6.27 12.80 6.87
CA GLY A 68 -6.31 11.37 7.17
C GLY A 68 -6.97 10.56 6.08
N ALA A 69 -6.71 9.25 6.12
CA ALA A 69 -7.45 8.25 5.28
C ALA A 69 -7.32 8.58 3.77
N PRO A 70 -6.13 8.95 3.26
CA PRO A 70 -6.03 9.37 1.84
C PRO A 70 -6.31 8.27 0.82
N GLY A 71 -6.15 6.99 1.20
CA GLY A 71 -6.32 5.87 0.29
C GLY A 71 -7.29 4.85 0.77
N SER A 72 -8.21 5.22 1.68
CA SER A 72 -9.18 4.33 2.27
C SER A 72 -10.47 4.22 1.43
N LEU A 73 -11.43 3.42 1.86
CA LEU A 73 -12.60 3.06 1.04
C LEU A 73 -13.73 4.02 1.20
N ARG A 74 -14.54 4.17 0.16
CA ARG A 74 -15.81 4.88 0.23
C ARG A 74 -16.96 3.86 0.55
N LYS A 75 -18.09 4.40 1.08
CA LYS A 75 -19.14 3.49 1.55
C LYS A 75 -19.90 2.87 0.41
N SER A 76 -20.14 3.60 -0.67
N SER A 76 -20.12 3.62 -0.63
CA SER A 76 -20.94 2.95 -1.76
CA SER A 76 -20.89 3.08 -1.76
C SER A 76 -20.17 1.88 -2.52
C SER A 76 -20.19 1.99 -2.60
N SER A 77 -20.83 0.88 -3.01
CA SER A 77 -20.23 -0.09 -3.79
C SER A 77 -19.81 0.49 -5.15
N ALA A 78 -20.51 1.44 -5.70
CA ALA A 78 -20.27 1.88 -7.09
C ALA A 78 -18.92 2.66 -7.17
N ASP A 79 -18.56 3.42 -6.16
CA ASP A 79 -17.27 4.18 -6.18
C ASP A 79 -16.43 3.75 -5.00
N ARG A 80 -16.50 2.54 -4.55
CA ARG A 80 -15.76 1.98 -3.39
C ARG A 80 -14.29 2.38 -3.39
N TYR A 81 -13.64 2.27 -4.58
CA TYR A 81 -12.19 2.52 -4.75
C TYR A 81 -11.93 3.89 -5.29
N GLY A 82 -12.88 4.83 -5.19
CA GLY A 82 -12.72 6.13 -5.79
C GLY A 82 -11.52 6.93 -5.33
N ARG A 83 -11.13 6.80 -4.04
CA ARG A 83 -9.93 7.53 -3.62
C ARG A 83 -8.73 7.02 -4.29
N LEU A 84 -8.62 5.74 -4.49
N LEU A 84 -8.51 5.70 -4.57
CA LEU A 84 -7.55 5.22 -5.18
CA LEU A 84 -7.41 5.13 -5.41
C LEU A 84 -7.56 5.71 -6.65
C LEU A 84 -7.48 5.55 -6.86
N ALA A 85 -8.74 5.62 -7.34
CA ALA A 85 -8.90 6.10 -8.72
C ALA A 85 -8.41 7.54 -8.84
N ARG A 86 -8.67 8.36 -7.82
CA ARG A 86 -8.23 9.76 -7.85
C ARG A 86 -6.74 9.92 -7.69
N HIS A 87 -5.99 8.89 -7.28
CA HIS A 87 -4.53 8.92 -7.32
C HIS A 87 -3.98 8.76 -8.74
N LEU A 88 -4.83 8.34 -9.73
CA LEU A 88 -4.35 7.80 -11.00
C LEU A 88 -5.07 8.36 -12.25
N ALA A 89 -5.90 9.35 -12.07
CA ALA A 89 -6.67 10.00 -13.23
C ALA A 89 -7.68 9.03 -13.70
N LEU A 90 -8.10 7.99 -13.03
CA LEU A 90 -9.14 7.10 -13.44
C LEU A 90 -10.46 7.57 -12.99
N PRO A 91 -11.58 7.19 -13.72
CA PRO A 91 -12.91 7.53 -13.22
C PRO A 91 -13.16 7.00 -11.83
N PRO A 92 -13.94 7.65 -11.01
CA PRO A 92 -14.12 7.23 -9.61
C PRO A 92 -14.81 5.90 -9.43
N THR A 93 -15.53 5.43 -10.46
CA THR A 93 -16.15 4.15 -10.52
C THR A 93 -15.24 3.02 -11.02
N ALA A 94 -13.95 3.28 -11.20
CA ALA A 94 -13.00 2.23 -11.65
C ALA A 94 -13.00 1.00 -10.79
N SER A 95 -12.95 -0.19 -11.42
CA SER A 95 -12.82 -1.42 -10.69
C SER A 95 -11.40 -1.63 -10.19
N MET A 96 -11.25 -2.59 -9.29
N MET A 96 -11.23 -2.52 -9.21
CA MET A 96 -9.93 -2.95 -8.82
CA MET A 96 -9.89 -2.88 -8.77
C MET A 96 -9.09 -3.49 -9.94
C MET A 96 -9.07 -3.50 -9.92
N ARG A 97 -9.67 -4.28 -10.83
CA ARG A 97 -8.92 -4.76 -11.97
C ARG A 97 -8.35 -3.60 -12.75
N GLU A 98 -9.14 -2.55 -13.01
CA GLU A 98 -8.68 -1.40 -13.76
C GLU A 98 -7.58 -0.61 -13.02
N ILE A 99 -7.72 -0.47 -11.71
CA ILE A 99 -6.67 0.20 -10.93
C ILE A 99 -5.35 -0.59 -11.02
N LEU A 100 -5.43 -1.92 -10.79
CA LEU A 100 -4.22 -2.73 -10.81
C LEU A 100 -3.59 -2.79 -12.19
N ASP A 101 -4.44 -2.86 -13.27
CA ASP A 101 -3.87 -2.78 -14.63
C ASP A 101 -3.20 -1.46 -14.86
N LYS A 102 -3.73 -0.36 -14.37
CA LYS A 102 -3.06 0.90 -14.53
C LYS A 102 -1.70 0.90 -13.85
N MET A 103 -1.65 0.36 -12.62
CA MET A 103 -0.36 0.24 -11.87
C MET A 103 0.63 -0.66 -12.55
N LEU A 104 0.23 -1.66 -13.31
CA LEU A 104 1.13 -2.58 -14.03
C LEU A 104 1.46 -2.05 -15.42
N SER A 105 0.77 -1.09 -15.94
CA SER A 105 0.88 -0.72 -17.37
C SER A 105 2.29 -0.31 -17.70
N ALA A 106 3.03 0.34 -16.84
CA ALA A 106 4.40 0.81 -17.12
C ALA A 106 5.40 -0.27 -17.18
N SER A 107 5.07 -1.50 -16.74
N SER A 107 5.09 -1.50 -16.74
CA SER A 107 5.98 -2.62 -16.78
CA SER A 107 6.09 -2.55 -16.63
C SER A 107 6.40 -3.02 -18.23
C SER A 107 6.75 -2.82 -17.99
N ASP A 108 5.57 -2.70 -19.21
N ASP A 108 5.89 -2.85 -18.99
CA ASP A 108 6.20 -2.95 -20.53
CA ASP A 108 6.16 -3.09 -20.41
C ASP A 108 6.17 -1.73 -21.39
C ASP A 108 6.70 -1.89 -21.27
N MET A 109 6.63 -0.65 -20.75
CA MET A 109 6.81 0.59 -21.43
C MET A 109 8.22 1.08 -21.16
N PRO A 110 8.85 1.88 -22.08
CA PRO A 110 10.04 2.60 -21.75
C PRO A 110 9.76 3.59 -20.57
N PRO A 111 10.73 3.67 -19.62
CA PRO A 111 10.55 4.74 -18.60
C PRO A 111 10.44 6.11 -19.19
N ILE A 112 9.78 7.04 -18.58
CA ILE A 112 9.85 8.46 -18.92
C ILE A 112 10.59 9.16 -17.80
N PRO A 113 11.87 9.46 -17.91
CA PRO A 113 12.57 10.01 -16.81
C PRO A 113 12.06 11.36 -16.39
N PRO A 114 12.30 11.81 -15.15
CA PRO A 114 11.80 13.04 -14.64
C PRO A 114 12.49 14.27 -15.25
N THR A 115 11.86 15.38 -15.13
CA THR A 115 12.34 16.70 -15.64
C THR A 115 12.76 17.52 -14.45
N ILE A 116 13.95 18.14 -14.44
CA ILE A 116 14.41 19.01 -13.38
C ILE A 116 13.93 20.36 -13.59
N VAL A 117 13.31 21.04 -12.71
CA VAL A 117 12.88 22.41 -12.79
C VAL A 117 13.55 23.18 -11.66
N PRO A 118 13.69 24.57 -11.78
CA PRO A 118 14.51 25.31 -10.83
C PRO A 118 13.84 25.53 -9.47
N THR A 119 12.53 25.49 -9.42
CA THR A 119 11.82 25.74 -8.15
C THR A 119 10.41 25.14 -8.22
N GLY A 120 9.74 25.18 -7.12
CA GLY A 120 8.33 24.76 -7.03
C GLY A 120 7.76 25.14 -5.68
N PRO A 121 6.48 24.80 -5.46
CA PRO A 121 5.84 25.15 -4.25
C PRO A 121 6.50 24.63 -2.95
N CYS A 122 7.17 23.47 -3.05
CA CYS A 122 7.83 22.93 -1.89
C CYS A 122 8.97 23.78 -1.36
N LYS A 123 9.34 24.85 -2.12
CA LYS A 123 10.38 25.78 -1.72
C LYS A 123 9.78 27.01 -1.14
N GLU A 124 8.52 27.14 -0.91
CA GLU A 124 7.89 28.42 -0.41
C GLU A 124 8.39 28.77 0.93
N ASN A 125 8.79 27.86 1.79
CA ASN A 125 9.23 28.12 3.10
C ASN A 125 10.34 27.21 3.45
N SER A 126 11.34 27.58 4.27
CA SER A 126 12.39 26.73 4.64
C SER A 126 12.80 26.95 6.09
N LEU A 127 13.35 25.94 6.73
CA LEU A 127 13.86 26.02 8.09
C LEU A 127 15.17 25.30 8.09
N ASP A 128 16.26 25.98 8.54
CA ASP A 128 17.52 25.38 8.70
C ASP A 128 17.61 24.70 10.04
N ASP A 129 18.83 24.16 10.15
N ASP A 129 18.74 24.01 10.29
CA ASP A 129 19.20 23.38 11.28
CA ASP A 129 18.95 23.27 11.55
C ASP A 129 19.25 24.07 12.68
C ASP A 129 18.81 24.12 12.86
N SER A 130 19.09 25.40 12.72
CA SER A 130 18.94 26.25 13.95
C SER A 130 17.50 26.69 14.18
N GLU A 131 16.57 26.35 13.24
CA GLU A 131 15.24 26.93 13.21
C GLU A 131 14.05 25.99 13.38
N PHE A 132 14.30 24.67 13.26
CA PHE A 132 13.25 23.69 13.60
C PHE A 132 13.62 22.82 14.79
N ASP A 133 12.59 22.19 15.36
CA ASP A 133 12.72 21.17 16.33
C ASP A 133 11.56 20.17 16.12
N LEU A 134 11.91 18.94 15.72
CA LEU A 134 10.83 17.97 15.37
C LEU A 134 9.95 17.65 16.51
N THR A 135 10.45 17.83 17.79
CA THR A 135 9.58 17.64 18.97
C THR A 135 8.59 18.79 19.23
N GLU A 136 8.71 19.85 18.53
CA GLU A 136 7.82 20.97 18.69
C GLU A 136 6.80 21.03 17.57
N LEU A 137 6.81 20.18 16.56
CA LEU A 137 5.83 20.20 15.55
C LEU A 137 4.62 19.34 16.00
N PRO A 138 3.48 19.49 15.38
CA PRO A 138 2.25 18.75 15.76
C PRO A 138 2.19 17.30 15.19
N VAL A 139 3.26 16.58 15.44
CA VAL A 139 3.38 15.23 14.98
C VAL A 139 2.34 14.38 15.72
N PRO A 140 1.59 13.51 15.08
CA PRO A 140 0.57 12.75 15.81
C PRO A 140 1.08 11.60 16.62
N LEU A 141 0.37 11.39 17.76
CA LEU A 141 0.44 10.05 18.43
C LEU A 141 -0.77 9.34 17.82
N ILE A 142 -0.51 8.25 17.10
CA ILE A 142 -1.55 7.61 16.28
C ILE A 142 -2.34 6.53 17.05
N HIS A 143 -1.68 5.78 17.94
CA HIS A 143 -2.30 4.77 18.77
C HIS A 143 -1.76 4.99 20.21
N LYS A 144 -2.62 4.74 21.21
N LYS A 144 -2.57 4.75 21.23
CA LYS A 144 -2.31 5.10 22.60
CA LYS A 144 -2.13 5.15 22.60
C LYS A 144 -1.02 4.46 23.14
C LYS A 144 -0.88 4.49 23.09
N SER A 145 -0.62 3.25 22.68
CA SER A 145 0.53 2.55 23.09
C SER A 145 1.75 2.68 22.19
N ASP A 146 1.65 3.54 21.13
CA ASP A 146 2.82 3.68 20.25
C ASP A 146 4.07 4.12 20.98
N GLY A 147 5.23 3.71 20.50
CA GLY A 147 6.53 4.08 21.17
C GLY A 147 7.04 5.40 20.73
N GLY A 148 6.33 6.21 19.95
CA GLY A 148 6.75 7.51 19.48
C GLY A 148 5.68 8.15 18.67
N LYS A 149 5.92 9.39 18.24
N LYS A 149 5.94 9.42 18.28
CA LYS A 149 4.98 10.10 17.41
CA LYS A 149 5.08 10.24 17.43
C LYS A 149 5.39 9.89 15.98
C LYS A 149 5.44 9.88 15.97
N TYR A 150 4.53 9.19 15.26
CA TYR A 150 4.85 8.69 13.89
C TYR A 150 4.52 9.77 12.87
N ILE A 151 5.53 10.61 12.62
CA ILE A 151 5.49 11.61 11.57
C ILE A 151 5.31 11.02 10.21
N GLN A 152 5.84 9.84 10.00
CA GLN A 152 5.95 9.25 8.63
C GLN A 152 5.09 8.02 8.53
N THR A 153 3.88 8.22 7.99
CA THR A 153 2.96 7.14 7.64
C THR A 153 2.48 7.25 6.16
N TYR A 154 2.76 8.35 5.45
CA TYR A 154 2.25 8.43 4.03
C TYR A 154 3.18 9.32 3.22
N GLY A 155 4.40 9.51 3.63
CA GLY A 155 5.46 10.13 2.77
C GLY A 155 6.30 9.11 2.10
N MET A 156 7.14 9.60 1.20
CA MET A 156 8.02 8.82 0.38
C MET A 156 9.50 9.04 0.75
N HIS A 157 10.15 7.99 1.16
CA HIS A 157 11.64 8.04 1.31
C HIS A 157 12.28 7.98 -0.05
N ILE A 158 13.32 8.82 -0.21
CA ILE A 158 14.11 8.91 -1.46
C ILE A 158 15.59 8.57 -1.10
N VAL A 159 16.10 7.49 -1.65
CA VAL A 159 17.52 7.13 -1.51
C VAL A 159 18.00 6.65 -2.82
N GLN A 160 19.31 6.80 -3.12
CA GLN A 160 19.95 6.48 -4.41
C GLN A 160 21.11 5.51 -4.20
N SER A 161 21.30 4.57 -5.08
CA SER A 161 22.48 3.70 -5.04
C SER A 161 23.76 4.53 -5.10
N PRO A 162 24.85 4.00 -4.46
CA PRO A 162 26.17 4.79 -4.54
C PRO A 162 26.56 5.14 -5.96
N ASP A 163 26.32 4.29 -6.92
CA ASP A 163 26.74 4.54 -8.33
C ASP A 163 25.82 5.48 -9.03
N GLY A 164 24.70 5.95 -8.43
CA GLY A 164 23.82 6.87 -9.03
C GLY A 164 22.78 6.28 -10.01
N THR A 165 22.81 5.05 -10.27
CA THR A 165 22.04 4.47 -11.34
C THR A 165 20.58 4.10 -10.95
N TRP A 166 20.27 4.03 -9.66
CA TRP A 166 18.92 3.66 -9.18
C TRP A 166 18.54 4.62 -8.09
N THR A 167 17.39 5.31 -8.26
CA THR A 167 16.81 6.16 -7.22
C THR A 167 15.48 5.51 -6.80
N ASN A 168 15.39 5.08 -5.54
CA ASN A 168 14.19 4.40 -5.06
C ASN A 168 13.30 5.34 -4.31
N TRP A 169 11.97 5.18 -4.53
CA TRP A 169 10.89 5.84 -3.76
C TRP A 169 10.03 4.78 -3.05
N SER A 170 9.90 4.90 -1.73
CA SER A 170 9.13 3.89 -1.01
C SER A 170 8.56 4.47 0.25
N ILE A 171 7.48 3.82 0.76
CA ILE A 171 6.90 4.12 2.07
C ILE A 171 7.50 3.12 3.06
N ALA A 172 8.05 3.63 4.17
CA ALA A 172 8.45 2.83 5.39
C ALA A 172 8.17 3.72 6.56
N ARG A 173 7.69 3.21 7.68
CA ARG A 173 7.28 4.05 8.82
C ARG A 173 8.50 4.71 9.47
N ALA A 174 8.28 5.87 10.09
CA ALA A 174 9.32 6.50 10.95
C ALA A 174 8.68 7.41 11.93
N MET A 175 9.32 7.52 13.10
CA MET A 175 8.87 8.30 14.24
C MET A 175 9.98 9.27 14.69
N VAL A 176 9.51 10.31 15.39
CA VAL A 176 10.46 11.31 15.93
C VAL A 176 11.33 10.74 17.09
N HIS A 177 12.62 10.81 16.99
CA HIS A 177 13.60 10.42 18.05
C HIS A 177 13.98 11.65 18.90
N ASP A 178 14.31 12.73 18.28
CA ASP A 178 14.66 13.96 19.04
C ASP A 178 14.57 15.12 18.17
N LYS A 179 15.07 16.35 18.51
CA LYS A 179 14.82 17.52 17.75
C LYS A 179 15.22 17.43 16.24
N ASN A 180 16.18 16.60 15.96
CA ASN A 180 16.69 16.52 14.60
C ASN A 180 16.93 15.13 14.08
N HIS A 181 16.28 14.12 14.67
CA HIS A 181 16.42 12.76 14.18
C HIS A 181 15.05 12.05 14.22
N LEU A 182 14.96 11.08 13.27
CA LEU A 182 13.88 10.05 13.28
C LEU A 182 14.45 8.69 13.49
N THR A 183 13.65 7.73 13.95
CA THR A 183 13.98 6.34 13.82
C THR A 183 12.93 5.63 12.97
N GLY A 184 13.30 4.58 12.28
CA GLY A 184 12.27 3.89 11.49
C GLY A 184 12.65 2.49 11.14
N LEU A 185 11.72 1.78 10.48
N LEU A 185 11.75 1.80 10.45
CA LEU A 185 11.92 0.42 9.93
CA LEU A 185 11.85 0.39 10.13
C LEU A 185 12.64 0.42 8.63
C LEU A 185 12.49 0.26 8.77
N VAL A 186 13.73 -0.32 8.67
CA VAL A 186 14.50 -0.54 7.44
C VAL A 186 14.87 -2.02 7.41
N ILE A 187 14.13 -2.89 6.77
CA ILE A 187 14.27 -4.33 6.91
C ILE A 187 14.36 -5.00 5.57
N PRO A 188 15.06 -6.15 5.48
CA PRO A 188 15.13 -6.90 4.23
C PRO A 188 13.78 -7.46 3.89
N PRO A 189 13.38 -7.65 2.63
CA PRO A 189 14.19 -7.37 1.43
C PRO A 189 13.87 -6.02 0.79
N GLN A 190 13.39 -5.07 1.59
CA GLN A 190 12.86 -3.80 1.04
C GLN A 190 13.94 -3.00 0.34
N HIS A 191 13.61 -2.22 -0.67
CA HIS A 191 14.63 -1.49 -1.43
C HIS A 191 15.33 -0.46 -0.57
N ILE A 192 14.72 0.19 0.40
CA ILE A 192 15.46 1.11 1.22
C ILE A 192 16.54 0.36 1.97
N TRP A 193 16.29 -0.87 2.40
CA TRP A 193 17.30 -1.73 3.04
C TRP A 193 18.33 -2.16 2.04
N GLN A 194 17.99 -2.58 0.84
CA GLN A 194 18.98 -2.99 -0.14
C GLN A 194 19.92 -1.89 -0.44
N ILE A 195 19.44 -0.67 -0.64
CA ILE A 195 20.31 0.51 -0.87
C ILE A 195 21.11 0.82 0.34
N HIS A 196 20.55 0.81 1.52
N HIS A 196 20.55 0.83 1.53
CA HIS A 196 21.32 1.05 2.74
CA HIS A 196 21.31 1.03 2.78
C HIS A 196 22.53 0.06 2.76
C HIS A 196 22.50 0.09 2.82
N GLN A 197 22.35 -1.16 2.48
CA GLN A 197 23.44 -2.14 2.52
C GLN A 197 24.51 -1.79 1.52
N MET A 198 24.19 -1.27 0.34
CA MET A 198 25.24 -0.86 -0.59
C MET A 198 26.07 0.26 0.03
N TRP A 199 25.53 1.21 0.67
CA TRP A 199 26.30 2.30 1.30
C TRP A 199 27.08 1.71 2.49
N LYS A 200 26.56 0.79 3.24
N LYS A 200 26.52 0.85 3.30
CA LYS A 200 27.32 0.28 4.39
CA LYS A 200 27.31 0.17 4.37
C LYS A 200 28.50 -0.52 3.88
C LYS A 200 28.52 -0.45 3.83
N LYS A 201 28.43 -1.26 2.79
CA LYS A 201 29.57 -1.99 2.25
C LYS A 201 30.59 -1.03 1.73
N GLU A 202 30.23 0.05 1.10
CA GLU A 202 31.21 1.08 0.70
C GLU A 202 31.87 1.68 1.88
N GLY A 203 31.18 1.90 2.98
CA GLY A 203 31.76 2.31 4.29
C GLY A 203 32.20 3.65 4.47
N ARG A 204 32.04 4.56 3.52
CA ARG A 204 32.60 5.91 3.55
C ARG A 204 31.72 7.01 4.10
N SER A 205 30.39 6.93 3.88
N SER A 205 30.38 6.85 3.97
CA SER A 205 29.49 7.96 4.43
CA SER A 205 29.41 7.98 3.99
C SER A 205 28.10 7.43 4.66
C SER A 205 28.08 7.46 4.54
N ASP A 206 27.42 8.28 5.40
CA ASP A 206 25.93 8.03 5.61
C ASP A 206 25.23 8.22 4.27
N VAL A 207 23.99 7.70 4.19
CA VAL A 207 23.25 7.70 2.94
C VAL A 207 22.57 9.04 2.74
N PRO A 208 22.82 9.80 1.67
CA PRO A 208 22.03 10.97 1.39
C PRO A 208 20.53 10.59 1.31
N TRP A 209 19.69 11.37 1.91
CA TRP A 209 18.24 10.99 2.07
C TRP A 209 17.39 12.15 2.00
N ALA A 210 16.15 12.00 1.50
CA ALA A 210 15.06 12.96 1.65
C ALA A 210 13.75 12.16 1.94
N LEU A 211 12.86 12.81 2.61
CA LEU A 211 11.51 12.27 2.86
C LEU A 211 10.53 13.34 2.47
N ALA A 212 9.70 13.05 1.44
CA ALA A 212 8.76 13.99 0.92
C ALA A 212 7.32 13.57 1.26
N PHE A 213 6.58 14.46 1.88
CA PHE A 213 5.19 14.25 2.28
C PHE A 213 4.27 14.98 1.36
N GLY A 214 3.08 14.46 1.06
CA GLY A 214 2.17 15.14 0.16
C GLY A 214 2.74 15.22 -1.20
N VAL A 215 3.24 14.11 -1.72
CA VAL A 215 3.80 13.99 -3.08
C VAL A 215 2.66 13.77 -4.08
N PRO A 216 2.98 13.83 -5.37
CA PRO A 216 1.98 13.48 -6.42
C PRO A 216 1.36 12.17 -6.07
N PRO A 217 0.01 12.07 -6.07
CA PRO A 217 -0.62 10.81 -5.76
C PRO A 217 -0.18 9.62 -6.58
N ALA A 218 0.10 9.80 -7.89
CA ALA A 218 0.54 8.67 -8.65
C ALA A 218 1.92 8.15 -8.13
N ALA A 219 2.75 9.03 -7.64
CA ALA A 219 4.01 8.69 -7.03
C ALA A 219 3.89 7.92 -5.71
N ILE A 220 2.94 8.29 -4.84
CA ILE A 220 2.79 7.56 -3.60
C ILE A 220 2.28 6.17 -3.85
N MET A 221 1.46 5.97 -4.93
N MET A 221 1.46 5.96 -4.94
CA MET A 221 1.04 4.61 -5.25
CA MET A 221 1.03 4.60 -5.33
C MET A 221 2.22 3.77 -5.66
C MET A 221 2.22 3.75 -5.70
N ALA A 222 3.08 4.26 -6.59
CA ALA A 222 4.27 3.46 -6.95
C ALA A 222 5.20 3.26 -5.76
N SER A 223 5.24 4.22 -4.83
CA SER A 223 6.06 4.05 -3.63
C SER A 223 5.63 2.87 -2.79
N SER A 224 4.34 2.50 -2.86
N SER A 224 4.33 2.51 -2.84
CA SER A 224 3.76 1.39 -2.12
CA SER A 224 3.80 1.38 -2.10
C SER A 224 3.78 0.06 -2.85
C SER A 224 3.80 0.07 -2.84
N MET A 225 4.29 0.05 -4.06
CA MET A 225 4.27 -1.14 -4.93
C MET A 225 5.65 -1.78 -5.06
N PRO A 226 5.74 -3.08 -5.04
CA PRO A 226 7.07 -3.77 -5.20
C PRO A 226 7.49 -3.91 -6.66
N ILE A 227 7.67 -2.79 -7.34
CA ILE A 227 8.23 -2.85 -8.71
C ILE A 227 9.65 -3.41 -8.64
N PRO A 228 10.23 -3.86 -9.75
CA PRO A 228 11.48 -4.62 -9.63
C PRO A 228 12.68 -3.89 -9.05
N ASP A 229 13.61 -4.74 -8.54
CA ASP A 229 14.92 -4.26 -8.13
C ASP A 229 15.59 -3.43 -9.24
N GLY A 230 16.21 -2.33 -8.89
CA GLY A 230 16.96 -1.51 -9.80
C GLY A 230 16.13 -0.61 -10.63
N VAL A 231 14.78 -0.57 -10.51
CA VAL A 231 13.92 0.28 -11.34
C VAL A 231 13.62 1.56 -10.56
N THR A 232 13.92 2.71 -11.11
CA THR A 232 13.67 3.97 -10.56
C THR A 232 12.21 4.29 -10.62
N GLU A 233 11.53 4.44 -9.47
CA GLU A 233 10.07 4.68 -9.44
C GLU A 233 9.71 5.91 -10.25
N ALA A 234 10.49 6.99 -10.24
CA ALA A 234 10.07 8.20 -10.98
C ALA A 234 9.81 7.92 -12.46
N GLY A 235 10.64 7.16 -13.10
CA GLY A 235 10.48 6.85 -14.53
C GLY A 235 9.33 5.89 -14.81
N TYR A 236 9.02 5.03 -13.85
CA TYR A 236 7.83 4.13 -13.92
C TYR A 236 6.61 4.92 -13.82
N VAL A 237 6.50 5.86 -12.88
CA VAL A 237 5.35 6.74 -12.75
C VAL A 237 5.21 7.63 -13.98
N GLY A 238 6.34 8.13 -14.51
CA GLY A 238 6.26 8.93 -15.75
C GLY A 238 5.65 8.06 -16.88
N ALA A 239 6.07 6.84 -17.05
CA ALA A 239 5.46 5.98 -18.11
C ALA A 239 4.02 5.72 -17.85
N MET A 240 3.63 5.38 -16.62
N MET A 240 3.63 5.47 -16.60
CA MET A 240 2.24 5.14 -16.27
CA MET A 240 2.26 5.13 -16.25
C MET A 240 1.35 6.30 -16.56
C MET A 240 1.33 6.26 -16.48
N THR A 241 1.74 7.50 -16.21
CA THR A 241 0.91 8.70 -16.37
C THR A 241 1.08 9.29 -17.78
N GLY A 242 2.06 8.91 -18.50
CA GLY A 242 2.33 9.52 -19.82
C GLY A 242 3.00 10.79 -19.69
N SER A 243 3.53 11.24 -18.62
CA SER A 243 4.15 12.58 -18.46
C SER A 243 5.36 12.48 -17.63
N SER A 244 6.40 13.25 -17.88
CA SER A 244 7.56 13.32 -17.06
C SER A 244 7.29 14.09 -15.78
N LEU A 245 7.66 13.51 -14.63
CA LEU A 245 7.41 14.23 -13.34
C LEU A 245 8.40 15.36 -13.16
N GLU A 246 7.93 16.49 -12.68
CA GLU A 246 8.79 17.65 -12.39
C GLU A 246 9.43 17.54 -11.01
N LEU A 247 10.69 17.57 -10.91
CA LEU A 247 11.42 17.46 -9.64
C LEU A 247 12.29 18.67 -9.41
N VAL A 248 12.43 19.15 -8.18
N VAL A 248 12.70 18.90 -8.22
CA VAL A 248 13.46 20.18 -7.78
CA VAL A 248 13.55 20.08 -7.88
C VAL A 248 14.58 19.59 -6.94
C VAL A 248 14.59 19.56 -6.97
N LYS A 249 15.83 20.08 -7.04
CA LYS A 249 16.89 19.60 -6.20
C LYS A 249 16.67 20.02 -4.72
N CYS A 250 17.06 19.11 -3.83
CA CYS A 250 17.18 19.45 -2.42
C CYS A 250 18.20 20.65 -2.28
N ASP A 251 18.03 21.33 -1.19
CA ASP A 251 19.01 22.44 -0.91
C ASP A 251 20.28 21.93 -0.37
N THR A 252 20.34 20.89 0.48
CA THR A 252 21.49 20.43 1.20
C THR A 252 22.10 19.17 0.68
N ASN A 253 21.50 18.51 -0.37
CA ASN A 253 22.09 17.37 -1.04
C ASN A 253 21.63 17.39 -2.50
N ASP A 254 22.09 16.39 -3.28
CA ASP A 254 21.84 16.33 -4.67
C ASP A 254 20.70 15.38 -5.09
N LEU A 255 19.84 15.02 -4.14
CA LEU A 255 18.59 14.32 -4.47
C LEU A 255 17.57 15.27 -5.00
N TYR A 256 16.58 14.73 -5.68
CA TYR A 256 15.51 15.47 -6.30
C TYR A 256 14.10 15.11 -5.76
N VAL A 257 13.29 16.04 -5.43
CA VAL A 257 12.00 15.78 -4.79
C VAL A 257 10.94 16.32 -5.68
N PRO A 258 9.68 15.82 -5.64
CA PRO A 258 8.61 16.39 -6.45
C PRO A 258 8.43 17.84 -6.16
N ALA A 259 8.27 18.65 -7.26
CA ALA A 259 8.17 20.11 -7.10
C ALA A 259 7.07 20.59 -6.23
N THR A 260 5.91 19.87 -6.22
CA THR A 260 4.76 20.24 -5.46
C THR A 260 4.60 19.49 -4.10
N SER A 261 5.68 18.87 -3.65
CA SER A 261 5.62 18.21 -2.33
C SER A 261 5.15 19.20 -1.29
N GLU A 262 4.31 18.77 -0.34
CA GLU A 262 3.84 19.63 0.74
C GLU A 262 4.93 19.92 1.74
N ILE A 263 5.69 18.92 2.15
CA ILE A 263 6.74 19.04 3.18
C ILE A 263 7.89 18.19 2.77
N VAL A 264 9.14 18.63 2.88
CA VAL A 264 10.32 17.87 2.57
C VAL A 264 11.30 17.89 3.73
N LEU A 265 11.74 16.77 4.18
CA LEU A 265 12.91 16.66 5.13
C LEU A 265 14.08 16.26 4.32
N GLU A 266 15.28 16.91 4.52
CA GLU A 266 16.53 16.55 3.89
C GLU A 266 17.56 16.09 4.91
N GLY A 267 18.31 15.09 4.68
CA GLY A 267 19.36 14.73 5.65
C GLY A 267 20.04 13.47 5.25
N THR A 268 20.31 12.61 6.24
CA THR A 268 21.03 11.39 6.05
C THR A 268 20.45 10.21 6.79
N LEU A 269 20.56 9.05 6.24
CA LEU A 269 20.23 7.78 6.89
C LEU A 269 21.56 7.16 7.30
N SER A 270 21.72 6.96 8.62
CA SER A 270 23.08 6.49 9.13
C SER A 270 23.34 5.14 8.70
N ILE A 271 24.67 4.89 8.37
CA ILE A 271 25.18 3.54 8.14
C ILE A 271 25.75 2.87 9.40
N SER A 272 25.73 3.65 10.49
CA SER A 272 26.26 3.10 11.80
C SER A 272 25.31 3.21 13.02
N GLU A 273 24.47 4.18 13.11
CA GLU A 273 23.70 4.45 14.35
C GLU A 273 22.34 3.88 14.28
N THR A 274 21.78 3.53 15.42
CA THR A 274 20.40 3.05 15.59
C THR A 274 19.80 3.76 16.75
N GLY A 275 18.48 3.67 16.94
CA GLY A 275 17.83 4.16 18.09
C GLY A 275 16.50 3.46 18.32
N PRO A 276 15.88 3.61 19.46
CA PRO A 276 14.64 2.92 19.76
C PRO A 276 13.53 3.23 18.71
N GLU A 277 12.84 2.22 18.35
CA GLU A 277 11.75 2.38 17.31
C GLU A 277 10.63 1.48 17.67
N GLY A 278 9.39 1.94 17.56
CA GLY A 278 8.24 1.16 17.89
C GLY A 278 8.00 1.08 19.38
N PRO A 279 6.97 0.36 19.77
CA PRO A 279 6.03 -0.35 18.92
C PRO A 279 5.06 0.60 18.20
N PHE A 280 4.39 0.04 17.18
CA PHE A 280 3.48 0.78 16.37
C PHE A 280 2.22 0.00 16.06
N GLY A 281 1.05 0.51 16.16
CA GLY A 281 -0.20 -0.19 15.72
C GLY A 281 -0.16 -0.38 14.26
N GLN A 282 -0.22 -1.62 13.82
CA GLN A 282 0.22 -2.01 12.48
C GLN A 282 -0.83 -2.65 11.68
N MET A 283 -0.47 -3.00 10.41
CA MET A 283 -1.41 -3.32 9.36
C MET A 283 -2.26 -4.57 9.62
N HIS A 284 -1.76 -5.51 10.50
CA HIS A 284 -2.52 -6.71 10.82
C HIS A 284 -3.53 -6.48 11.93
N GLY A 285 -3.53 -5.29 12.55
CA GLY A 285 -4.51 -4.95 13.56
C GLY A 285 -4.02 -5.00 14.99
N TYR A 286 -2.73 -4.97 15.23
CA TYR A 286 -2.17 -5.19 16.57
C TYR A 286 -1.15 -4.17 16.96
N ILE A 287 -0.98 -3.97 18.26
CA ILE A 287 0.20 -3.37 18.87
C ILE A 287 0.61 -4.22 20.09
N PHE A 288 1.88 -4.46 20.25
CA PHE A 288 2.42 -5.19 21.42
C PHE A 288 3.11 -4.11 22.31
N PRO A 289 2.40 -3.59 23.32
N PRO A 289 2.44 -3.62 23.33
CA PRO A 289 2.99 -2.43 24.07
CA PRO A 289 3.04 -2.49 24.10
C PRO A 289 4.29 -2.80 24.70
C PRO A 289 4.44 -2.67 24.64
N GLY A 290 5.26 -1.88 24.63
N GLY A 290 4.91 -3.89 24.84
CA GLY A 290 6.47 -2.14 25.18
CA GLY A 290 6.16 -4.12 25.52
C GLY A 290 7.47 -2.87 24.28
C GLY A 290 7.30 -4.18 24.51
N ASP A 291 7.08 -3.68 23.23
CA ASP A 291 7.97 -4.27 22.25
C ASP A 291 8.71 -3.14 21.49
N THR A 292 9.52 -2.37 22.18
CA THR A 292 10.63 -1.54 21.39
C THR A 292 11.88 -2.33 20.88
N HIS A 293 12.32 -2.06 19.71
CA HIS A 293 13.51 -2.67 19.18
C HIS A 293 14.33 -1.58 18.61
N LEU A 294 15.49 -1.78 18.14
CA LEU A 294 16.40 -0.75 17.62
C LEU A 294 16.06 -0.65 16.12
N GLY A 295 15.91 0.57 15.63
CA GLY A 295 15.65 0.84 14.20
C GLY A 295 16.73 1.70 13.64
N ALA A 296 16.65 1.91 12.33
CA ALA A 296 17.47 2.81 11.62
C ALA A 296 17.32 4.26 12.07
N LYS A 297 18.34 5.10 11.98
CA LYS A 297 18.34 6.42 12.50
C LYS A 297 18.62 7.41 11.40
N TYR A 298 17.75 8.38 11.22
CA TYR A 298 17.78 9.43 10.22
C TYR A 298 18.12 10.78 10.87
N LYS A 299 19.03 11.54 10.28
CA LYS A 299 19.30 12.91 10.71
C LYS A 299 18.66 13.91 9.79
N VAL A 300 17.95 14.90 10.30
CA VAL A 300 17.29 15.89 9.51
C VAL A 300 18.09 17.19 9.55
N ASN A 301 18.52 17.68 8.43
CA ASN A 301 19.31 18.95 8.33
C ASN A 301 18.51 20.09 7.86
N ARG A 302 17.38 19.94 7.20
CA ARG A 302 16.61 20.99 6.59
C ARG A 302 15.14 20.62 6.42
N ILE A 303 14.22 21.51 6.59
CA ILE A 303 12.81 21.30 6.23
C ILE A 303 12.43 22.30 5.22
N THR A 304 11.80 21.96 4.09
CA THR A 304 11.16 22.93 3.20
C THR A 304 9.67 22.64 3.09
N TYR A 305 8.82 23.59 2.80
CA TYR A 305 7.40 23.27 2.79
C TYR A 305 6.57 24.25 2.06
N ARG A 306 5.46 23.89 1.55
CA ARG A 306 4.45 24.74 0.96
C ARG A 306 3.82 25.63 2.02
N ASN A 307 3.38 26.86 1.57
CA ASN A 307 2.43 27.62 2.39
C ASN A 307 1.23 26.72 2.74
N ASN A 308 0.80 26.85 4.00
CA ASN A 308 -0.39 26.09 4.45
C ASN A 308 -0.22 24.53 4.18
N ALA A 309 0.96 24.06 4.42
CA ALA A 309 1.31 22.61 4.18
C ALA A 309 0.33 21.68 4.87
N ILE A 310 0.09 20.59 4.10
CA ILE A 310 -0.79 19.47 4.55
C ILE A 310 0.06 18.20 4.65
N MET A 311 0.06 17.57 5.80
CA MET A 311 0.68 16.22 6.05
C MET A 311 -0.36 15.14 5.89
N PRO A 312 -0.23 14.21 4.93
CA PRO A 312 -1.14 13.03 4.94
C PRO A 312 -0.74 12.08 6.03
N MET A 313 -1.75 11.34 6.56
CA MET A 313 -1.54 10.40 7.68
C MET A 313 -2.40 9.18 7.43
N SER A 314 -1.80 7.99 7.69
CA SER A 314 -2.54 6.71 7.75
C SER A 314 -2.69 6.30 9.20
N SER A 315 -3.92 6.23 9.67
CA SER A 315 -4.25 5.71 11.00
C SER A 315 -4.50 4.23 10.86
N CYS A 316 -3.43 3.44 10.81
CA CYS A 316 -3.54 2.04 10.33
C CYS A 316 -3.85 1.09 11.44
N GLY A 317 -4.44 -0.06 11.06
CA GLY A 317 -4.80 -1.11 12.00
C GLY A 317 -5.81 -2.08 11.43
N ARG A 318 -6.89 -2.33 12.16
CA ARG A 318 -7.95 -3.16 11.66
C ARG A 318 -8.63 -2.55 10.42
N LEU A 319 -9.36 -3.36 9.67
CA LEU A 319 -9.89 -2.94 8.38
C LEU A 319 -10.68 -1.63 8.45
N THR A 320 -10.65 -0.79 7.41
CA THR A 320 -9.83 -0.86 6.22
C THR A 320 -9.07 0.44 6.01
N ASP A 321 -7.80 0.35 5.74
CA ASP A 321 -6.98 1.54 5.52
C ASP A 321 -5.97 1.31 4.39
N GLU A 322 -5.04 2.24 4.24
CA GLU A 322 -4.04 2.21 3.20
C GLU A 322 -3.19 0.99 3.25
N THR A 323 -2.92 0.45 4.44
CA THR A 323 -2.12 -0.77 4.56
C THR A 323 -2.79 -1.93 4.02
N HIS A 324 -4.08 -1.92 3.73
CA HIS A 324 -4.85 -3.02 3.14
C HIS A 324 -5.09 -2.71 1.68
N THR A 325 -5.60 -1.50 1.38
CA THR A 325 -6.00 -1.16 0.00
C THR A 325 -4.79 -1.04 -0.84
N MET A 326 -3.67 -0.52 -0.40
CA MET A 326 -2.46 -0.32 -1.19
C MET A 326 -1.46 -1.41 -1.03
N ILE A 327 -1.06 -1.78 0.19
CA ILE A 327 -0.04 -2.78 0.31
C ILE A 327 -0.45 -4.10 -0.29
N GLY A 328 -1.67 -4.56 0.13
CA GLY A 328 -2.15 -5.87 -0.30
C GLY A 328 -2.40 -5.89 -1.81
N SER A 329 -3.14 -4.89 -2.31
CA SER A 329 -3.57 -4.93 -3.71
C SER A 329 -2.40 -4.79 -4.65
N LEU A 330 -1.46 -3.89 -4.31
CA LEU A 330 -0.33 -3.64 -5.21
C LEU A 330 0.63 -4.82 -5.18
N ALA A 331 0.82 -5.50 -4.06
CA ALA A 331 1.61 -6.76 -4.03
C ALA A 331 0.96 -7.77 -4.89
N ALA A 332 -0.39 -7.92 -4.77
CA ALA A 332 -1.13 -8.88 -5.59
C ALA A 332 -0.93 -8.57 -7.08
N ALA A 333 -0.98 -7.35 -7.49
CA ALA A 333 -0.76 -6.98 -8.90
C ALA A 333 0.59 -7.46 -9.37
N GLU A 334 1.65 -7.14 -8.62
CA GLU A 334 2.98 -7.57 -8.97
C GLU A 334 3.10 -9.05 -9.04
N ILE A 335 2.48 -9.81 -8.11
CA ILE A 335 2.49 -11.27 -8.11
C ILE A 335 1.79 -11.77 -9.35
N ARG A 336 0.69 -11.19 -9.78
CA ARG A 336 0.00 -11.61 -11.06
C ARG A 336 0.98 -11.58 -12.18
N LYS A 337 1.65 -10.42 -12.36
CA LYS A 337 2.64 -10.27 -13.45
C LYS A 337 3.77 -11.24 -13.31
N LEU A 338 4.35 -11.44 -12.14
CA LEU A 338 5.44 -12.37 -11.90
C LEU A 338 5.01 -13.75 -12.32
N CYS A 339 3.80 -14.21 -11.95
CA CYS A 339 3.36 -15.54 -12.34
C CYS A 339 3.29 -15.61 -13.88
N GLN A 340 2.70 -14.68 -14.52
CA GLN A 340 2.60 -14.70 -16.03
C GLN A 340 3.98 -14.73 -16.68
N GLN A 341 4.94 -14.02 -16.16
CA GLN A 341 6.26 -14.01 -16.72
C GLN A 341 6.96 -15.28 -16.48
N ASN A 342 6.60 -16.14 -15.56
CA ASN A 342 7.09 -17.43 -15.33
C ASN A 342 6.23 -18.51 -16.00
N ASP A 343 5.43 -18.13 -16.95
CA ASP A 343 4.60 -19.00 -17.76
C ASP A 343 3.56 -19.75 -16.99
N LEU A 344 3.08 -19.22 -15.83
CA LEU A 344 1.98 -19.81 -15.07
C LEU A 344 0.68 -19.22 -15.58
N PRO A 345 -0.40 -19.96 -15.69
CA PRO A 345 -1.64 -19.55 -16.33
C PRO A 345 -2.55 -18.75 -15.31
N ILE A 346 -2.04 -17.67 -14.81
CA ILE A 346 -2.75 -16.84 -13.83
C ILE A 346 -3.36 -15.65 -14.53
N THR A 347 -4.64 -15.37 -14.39
CA THR A 347 -5.28 -14.23 -15.02
C THR A 347 -5.45 -13.02 -14.11
N ASP A 348 -5.60 -13.26 -12.78
CA ASP A 348 -5.96 -12.20 -11.80
C ASP A 348 -5.42 -12.59 -10.48
N ALA A 349 -5.14 -11.58 -9.64
CA ALA A 349 -4.67 -11.80 -8.25
C ALA A 349 -5.20 -10.68 -7.40
N PHE A 350 -5.59 -11.01 -6.15
CA PHE A 350 -6.03 -9.99 -5.19
C PHE A 350 -5.76 -10.52 -3.80
N ALA A 351 -5.46 -9.62 -2.86
CA ALA A 351 -5.25 -10.00 -1.42
C ALA A 351 -6.57 -9.79 -0.70
N PRO A 352 -7.35 -10.81 -0.36
CA PRO A 352 -8.65 -10.53 0.30
C PRO A 352 -8.51 -9.73 1.56
N PHE A 353 -9.38 -8.74 1.74
CA PHE A 353 -9.38 -7.99 3.00
C PHE A 353 -9.69 -8.85 4.17
N GLU A 354 -10.52 -9.85 4.01
CA GLU A 354 -10.89 -10.76 5.06
C GLU A 354 -9.74 -11.50 5.65
N SER A 355 -8.65 -11.71 4.83
CA SER A 355 -7.41 -12.39 5.28
C SER A 355 -6.42 -11.40 5.96
N GLN A 356 -6.87 -10.14 6.20
CA GLN A 356 -5.97 -9.11 6.68
C GLN A 356 -4.76 -8.94 5.74
N VAL A 357 -5.09 -9.07 4.42
CA VAL A 357 -4.13 -9.03 3.29
C VAL A 357 -2.95 -9.92 3.51
N THR A 358 -3.08 -11.07 4.17
CA THR A 358 -2.03 -12.07 4.32
C THR A 358 -2.21 -13.19 3.28
N TRP A 359 -3.31 -13.28 2.60
CA TRP A 359 -3.51 -14.25 1.52
C TRP A 359 -3.50 -13.49 0.20
N VAL A 360 -3.16 -14.20 -0.90
CA VAL A 360 -3.47 -13.73 -2.24
C VAL A 360 -4.20 -14.89 -2.94
N ALA A 361 -5.35 -14.58 -3.54
CA ALA A 361 -6.07 -15.50 -4.39
C ALA A 361 -5.62 -15.28 -5.82
N LEU A 362 -5.30 -16.40 -6.47
CA LEU A 362 -4.79 -16.46 -7.89
C LEU A 362 -5.81 -17.15 -8.72
N ARG A 363 -6.41 -16.44 -9.66
CA ARG A 363 -7.39 -17.01 -10.61
C ARG A 363 -6.63 -17.66 -11.76
N VAL A 364 -6.94 -18.92 -12.03
CA VAL A 364 -6.27 -19.74 -13.02
C VAL A 364 -7.12 -19.91 -14.25
N ASP A 365 -6.43 -19.71 -15.43
CA ASP A 365 -7.03 -20.04 -16.72
C ASP A 365 -6.94 -21.57 -16.90
N THR A 366 -8.08 -22.20 -16.61
CA THR A 366 -8.06 -23.62 -16.51
C THR A 366 -7.95 -24.35 -17.91
N GLU A 367 -8.34 -23.66 -18.94
CA GLU A 367 -8.03 -24.24 -20.33
C GLU A 367 -6.53 -24.37 -20.47
N LYS A 368 -5.76 -23.35 -20.15
CA LYS A 368 -4.31 -23.44 -20.17
C LYS A 368 -3.74 -24.47 -19.22
N LEU A 369 -4.37 -24.56 -17.96
CA LEU A 369 -3.91 -25.56 -17.05
C LEU A 369 -4.08 -26.99 -17.63
N ARG A 370 -5.26 -27.22 -18.18
CA ARG A 370 -5.49 -28.55 -18.76
C ARG A 370 -4.42 -28.97 -19.79
N ALA A 371 -4.02 -28.01 -20.55
CA ALA A 371 -2.99 -28.33 -21.63
C ALA A 371 -1.67 -28.61 -21.02
N MET A 372 -1.32 -28.22 -19.78
CA MET A 372 -0.17 -28.55 -19.09
C MET A 372 -0.04 -29.94 -18.64
N LYS A 373 -1.14 -30.66 -18.49
CA LYS A 373 -1.18 -32.02 -18.13
C LYS A 373 -0.38 -32.36 -16.91
N THR A 374 -0.73 -31.62 -15.80
CA THR A 374 -0.01 -31.63 -14.53
C THR A 374 -0.98 -32.02 -13.43
N THR A 375 -0.45 -31.98 -12.21
CA THR A 375 -1.24 -32.37 -11.03
C THR A 375 -1.18 -31.28 -10.01
N SER A 376 -2.05 -31.42 -8.97
CA SER A 376 -2.06 -30.37 -7.91
C SER A 376 -0.77 -30.30 -7.22
N GLU A 377 -0.15 -31.40 -6.80
N GLU A 377 -0.12 -31.37 -6.81
CA GLU A 377 1.08 -31.37 -6.05
CA GLU A 377 1.08 -31.22 -6.05
C GLU A 377 2.16 -30.63 -6.87
C GLU A 377 2.20 -30.60 -6.85
N GLY A 378 2.29 -30.97 -8.15
CA GLY A 378 3.32 -30.33 -8.98
C GLY A 378 3.07 -28.86 -9.19
N PHE A 379 1.82 -28.54 -9.49
CA PHE A 379 1.48 -27.13 -9.81
C PHE A 379 1.58 -26.23 -8.57
N ARG A 380 1.13 -26.72 -7.43
CA ARG A 380 1.32 -25.92 -6.14
C ARG A 380 2.69 -25.64 -5.87
N LYS A 381 3.60 -26.62 -6.03
CA LYS A 381 5.01 -26.40 -5.81
C LYS A 381 5.58 -25.38 -6.78
N ARG A 382 5.23 -25.45 -8.01
CA ARG A 382 5.75 -24.51 -8.99
C ARG A 382 5.33 -23.10 -8.64
N VAL A 383 4.04 -22.91 -8.31
CA VAL A 383 3.53 -21.55 -8.01
C VAL A 383 4.19 -21.06 -6.71
N GLY A 384 4.28 -21.84 -5.68
CA GLY A 384 4.85 -21.36 -4.45
C GLY A 384 6.35 -21.06 -4.58
N ASP A 385 7.08 -21.87 -5.38
CA ASP A 385 8.51 -21.58 -5.62
C ASP A 385 8.63 -20.22 -6.31
N VAL A 386 7.87 -19.93 -7.32
CA VAL A 386 7.98 -18.64 -8.00
C VAL A 386 7.69 -17.50 -7.00
N VAL A 387 6.56 -17.52 -6.29
CA VAL A 387 6.09 -16.37 -5.53
C VAL A 387 6.84 -16.23 -4.23
N PHE A 388 7.02 -17.31 -3.47
CA PHE A 388 7.57 -17.18 -2.18
C PHE A 388 9.09 -16.99 -2.14
N ASN A 389 9.75 -17.20 -3.27
CA ASN A 389 11.19 -16.88 -3.44
C ASN A 389 11.40 -15.56 -3.97
N HIS A 390 10.39 -14.72 -4.21
CA HIS A 390 10.52 -13.39 -4.83
C HIS A 390 10.11 -12.34 -3.78
N LYS A 391 10.68 -11.17 -3.84
CA LYS A 391 10.30 -10.01 -3.00
C LYS A 391 8.79 -9.70 -3.12
N ALA A 392 8.18 -9.83 -4.26
CA ALA A 392 6.79 -9.47 -4.37
C ALA A 392 5.91 -10.34 -3.48
N GLY A 393 6.36 -11.58 -3.16
CA GLY A 393 5.62 -12.46 -2.25
C GLY A 393 5.95 -12.27 -0.79
N TYR A 394 6.79 -11.34 -0.41
CA TYR A 394 7.27 -11.20 0.96
C TYR A 394 6.12 -11.16 2.01
N THR A 395 5.16 -10.27 1.80
CA THR A 395 4.12 -10.04 2.80
C THR A 395 3.04 -11.13 2.84
N ILE A 396 3.04 -12.03 1.85
CA ILE A 396 1.95 -12.95 1.66
C ILE A 396 2.30 -14.32 2.20
N HIS A 397 1.49 -14.88 3.06
CA HIS A 397 1.75 -16.19 3.65
C HIS A 397 0.87 -17.31 3.16
N ARG A 398 -0.23 -17.05 2.49
CA ARG A 398 -1.07 -18.13 1.90
C ARG A 398 -1.49 -17.72 0.50
N LEU A 399 -1.22 -18.59 -0.49
CA LEU A 399 -1.74 -18.42 -1.83
C LEU A 399 -2.89 -19.35 -2.01
N VAL A 400 -4.01 -18.93 -2.55
CA VAL A 400 -5.18 -19.76 -2.80
C VAL A 400 -5.40 -19.81 -4.28
N LEU A 401 -5.24 -21.01 -4.90
CA LEU A 401 -5.48 -21.20 -6.31
C LEU A 401 -6.96 -21.49 -6.57
N VAL A 402 -7.60 -20.73 -7.49
CA VAL A 402 -9.02 -20.91 -7.76
C VAL A 402 -9.23 -20.94 -9.29
N GLY A 403 -10.28 -21.64 -9.74
CA GLY A 403 -10.61 -21.68 -11.15
C GLY A 403 -11.35 -20.50 -11.64
N ASP A 404 -11.72 -20.55 -12.96
CA ASP A 404 -12.27 -19.40 -13.67
C ASP A 404 -13.58 -18.94 -13.24
N ASP A 405 -14.35 -19.71 -12.50
CA ASP A 405 -15.66 -19.25 -12.02
C ASP A 405 -15.54 -18.27 -10.85
N ILE A 406 -14.41 -18.14 -10.21
CA ILE A 406 -14.25 -17.29 -9.01
C ILE A 406 -13.77 -15.93 -9.37
N ASP A 407 -14.43 -14.89 -8.88
CA ASP A 407 -13.97 -13.48 -8.94
C ASP A 407 -13.10 -13.25 -7.71
N VAL A 408 -11.77 -13.18 -7.94
CA VAL A 408 -10.85 -13.04 -6.81
C VAL A 408 -10.97 -11.68 -6.12
N TYR A 409 -11.59 -10.70 -6.77
CA TYR A 409 -11.80 -9.40 -6.13
C TYR A 409 -12.95 -9.39 -5.18
N GLU A 410 -13.70 -10.51 -5.06
CA GLU A 410 -14.83 -10.67 -4.15
C GLU A 410 -14.50 -11.65 -3.04
N GLY A 411 -14.21 -11.15 -1.84
CA GLY A 411 -13.78 -11.99 -0.75
C GLY A 411 -14.75 -13.07 -0.41
N LYS A 412 -16.07 -12.89 -0.50
N LYS A 412 -16.04 -12.88 -0.49
CA LYS A 412 -17.06 -13.99 -0.23
CA LYS A 412 -16.94 -13.95 -0.14
C LYS A 412 -16.86 -15.13 -1.13
C LYS A 412 -16.79 -15.10 -1.08
N ASP A 413 -16.53 -14.90 -2.39
CA ASP A 413 -16.34 -16.00 -3.33
C ASP A 413 -15.04 -16.72 -3.11
N VAL A 414 -13.96 -16.00 -2.75
CA VAL A 414 -12.71 -16.62 -2.42
C VAL A 414 -12.87 -17.51 -1.17
N LEU A 415 -13.60 -17.03 -0.15
N LEU A 415 -13.58 -17.02 -0.14
CA LEU A 415 -13.78 -17.83 1.05
CA LEU A 415 -13.74 -17.83 1.06
C LEU A 415 -14.64 -19.07 0.77
C LEU A 415 -14.64 -19.06 0.78
N TRP A 416 -15.65 -18.93 -0.06
CA TRP A 416 -16.46 -20.05 -0.46
C TRP A 416 -15.60 -21.14 -1.15
N ALA A 417 -14.79 -20.73 -2.15
CA ALA A 417 -13.96 -21.68 -2.84
C ALA A 417 -12.92 -22.31 -1.94
N PHE A 418 -12.22 -21.53 -1.11
CA PHE A 418 -11.24 -22.08 -0.19
C PHE A 418 -11.81 -23.10 0.72
N SER A 419 -13.03 -22.81 1.27
N SER A 419 -12.99 -22.78 1.34
CA SER A 419 -13.64 -23.64 2.29
CA SER A 419 -13.56 -23.64 2.34
C SER A 419 -14.23 -24.91 1.79
C SER A 419 -14.22 -24.90 1.80
N THR A 420 -14.54 -24.94 0.50
CA THR A 420 -15.25 -26.07 -0.11
C THR A 420 -14.46 -26.91 -1.11
N ARG A 421 -13.33 -26.36 -1.63
CA ARG A 421 -12.57 -27.00 -2.69
C ARG A 421 -11.17 -27.39 -2.28
N CYS A 422 -10.62 -26.93 -1.16
CA CYS A 422 -9.26 -27.25 -0.76
C CYS A 422 -9.31 -28.15 0.50
N ARG A 423 -8.98 -29.41 0.32
CA ARG A 423 -8.88 -30.35 1.46
C ARG A 423 -7.73 -30.01 2.36
N PRO A 424 -7.94 -29.67 3.62
CA PRO A 424 -6.80 -29.36 4.51
C PRO A 424 -5.74 -30.45 4.48
N GLY A 425 -4.49 -30.00 4.39
CA GLY A 425 -3.35 -30.96 4.36
C GLY A 425 -3.09 -31.49 3.00
N MET A 426 -3.90 -32.38 2.52
CA MET A 426 -3.65 -33.04 1.24
C MET A 426 -3.58 -32.11 0.05
N ASP A 427 -4.41 -31.06 0.01
CA ASP A 427 -4.47 -30.13 -1.08
C ASP A 427 -3.57 -28.90 -0.86
N GLU A 428 -2.62 -29.00 0.06
CA GLU A 428 -1.78 -27.84 0.44
C GLU A 428 -0.32 -28.24 0.41
N THR A 429 0.55 -27.30 0.16
CA THR A 429 2.01 -27.50 0.32
C THR A 429 2.55 -26.42 1.23
N LEU A 430 3.18 -26.79 2.30
CA LEU A 430 3.83 -25.88 3.25
C LEU A 430 5.25 -25.54 2.82
N PHE A 431 5.69 -24.33 3.00
CA PHE A 431 6.99 -23.81 2.63
C PHE A 431 7.65 -23.25 3.89
N GLU A 432 8.62 -23.99 4.47
CA GLU A 432 9.29 -23.57 5.67
C GLU A 432 10.65 -22.91 5.35
N ASP A 433 11.18 -23.04 4.19
CA ASP A 433 12.51 -22.52 3.85
C ASP A 433 12.43 -21.39 2.84
N VAL A 434 11.57 -20.42 3.16
CA VAL A 434 11.37 -19.16 2.48
C VAL A 434 11.40 -18.05 3.47
N ARG A 435 11.65 -16.82 3.01
CA ARG A 435 11.59 -15.67 3.88
C ARG A 435 10.15 -15.47 4.39
N GLY A 436 9.99 -15.28 5.69
CA GLY A 436 8.68 -14.95 6.30
C GLY A 436 8.58 -13.49 6.66
N PHE A 437 7.34 -13.00 6.82
CA PHE A 437 7.06 -11.59 7.13
C PHE A 437 6.92 -11.46 8.64
N PRO A 438 7.92 -10.92 9.35
CA PRO A 438 7.89 -10.99 10.83
C PRO A 438 6.83 -10.14 11.45
N LEU A 439 6.27 -9.19 10.79
N LEU A 439 6.25 -9.18 10.73
CA LEU A 439 5.29 -8.36 11.39
CA LEU A 439 5.19 -8.27 11.19
C LEU A 439 3.92 -9.04 11.55
C LEU A 439 3.94 -9.07 11.59
N ILE A 440 3.65 -10.15 10.87
CA ILE A 440 2.41 -10.88 11.19
C ILE A 440 2.54 -11.42 12.61
N PRO A 441 1.53 -11.29 13.47
CA PRO A 441 1.69 -11.75 14.85
C PRO A 441 2.14 -13.15 15.02
N TYR A 442 1.61 -14.10 14.23
CA TYR A 442 1.99 -15.51 14.37
C TYR A 442 3.44 -15.78 13.91
N MET A 443 4.14 -14.78 13.33
CA MET A 443 5.53 -14.86 12.98
C MET A 443 6.39 -14.26 14.07
N GLY A 444 6.48 -12.95 14.16
CA GLY A 444 7.38 -12.30 15.12
C GLY A 444 6.99 -12.49 16.55
N HIS A 445 5.73 -12.73 16.88
CA HIS A 445 5.23 -12.97 18.25
C HIS A 445 4.71 -14.38 18.39
N GLY A 446 5.10 -15.30 17.52
CA GLY A 446 4.54 -16.65 17.48
C GLY A 446 5.44 -17.74 18.01
N ASN A 447 5.18 -18.95 17.61
CA ASN A 447 5.83 -20.14 18.14
C ASN A 447 7.01 -20.56 17.36
N GLY A 448 7.32 -20.03 16.20
CA GLY A 448 8.45 -20.42 15.39
C GLY A 448 9.34 -19.27 15.02
N PRO A 449 10.29 -19.57 14.10
CA PRO A 449 11.24 -18.57 13.64
C PRO A 449 10.55 -17.31 13.09
N ALA A 450 10.89 -16.12 13.52
CA ALA A 450 10.22 -14.94 13.09
C ALA A 450 10.37 -14.61 11.62
N HIS A 451 11.50 -15.02 11.03
CA HIS A 451 11.90 -14.60 9.72
C HIS A 451 11.86 -15.63 8.63
N ARG A 452 11.42 -16.86 8.95
CA ARG A 452 11.51 -17.98 8.02
C ARG A 452 10.24 -18.81 8.13
N GLY A 453 9.77 -19.21 6.98
CA GLY A 453 8.68 -20.24 6.88
C GLY A 453 7.29 -19.69 7.20
N GLY A 454 6.41 -20.62 7.53
CA GLY A 454 5.05 -20.26 7.84
C GLY A 454 4.19 -19.95 6.59
N LYS A 455 4.59 -20.41 5.42
CA LYS A 455 3.85 -20.13 4.20
C LYS A 455 3.23 -21.33 3.62
N VAL A 456 2.19 -21.19 2.80
CA VAL A 456 1.43 -22.31 2.26
C VAL A 456 0.81 -21.98 0.96
N VAL A 457 0.76 -22.94 0.00
CA VAL A 457 -0.11 -22.86 -1.16
C VAL A 457 -1.26 -23.80 -0.94
N SER A 458 -2.47 -23.26 -0.99
CA SER A 458 -3.73 -24.01 -0.83
C SER A 458 -4.43 -24.10 -2.15
N ASP A 459 -4.57 -25.32 -2.67
CA ASP A 459 -5.14 -25.52 -3.99
C ASP A 459 -6.67 -25.72 -3.90
N ALA A 460 -7.42 -24.71 -4.29
CA ALA A 460 -8.87 -24.76 -4.39
C ALA A 460 -9.35 -25.02 -5.81
N LEU A 461 -8.48 -25.57 -6.67
CA LEU A 461 -8.89 -26.17 -7.93
C LEU A 461 -9.43 -27.56 -7.69
N MET A 462 -10.54 -27.91 -8.29
CA MET A 462 -11.11 -29.25 -8.19
C MET A 462 -10.41 -30.21 -9.14
N PRO A 463 -10.51 -31.53 -8.90
CA PRO A 463 -9.66 -32.47 -9.73
C PRO A 463 -9.92 -32.37 -11.18
N THR A 464 -11.13 -32.25 -11.67
CA THR A 464 -11.37 -32.25 -13.11
C THR A 464 -10.93 -30.99 -13.73
N GLU A 465 -10.60 -29.91 -12.98
CA GLU A 465 -10.07 -28.72 -13.59
C GLU A 465 -8.68 -28.92 -14.20
N TYR A 466 -7.97 -29.92 -13.72
CA TYR A 466 -6.66 -30.34 -14.31
C TYR A 466 -6.84 -31.26 -15.53
N THR A 467 -7.97 -31.82 -15.77
CA THR A 467 -8.15 -32.94 -16.77
C THR A 467 -9.15 -32.55 -17.82
N THR A 468 -10.42 -32.72 -17.55
CA THR A 468 -11.46 -32.63 -18.57
C THR A 468 -12.33 -31.39 -18.45
N GLY A 469 -12.31 -30.63 -17.33
CA GLY A 469 -13.10 -29.46 -17.19
C GLY A 469 -14.02 -29.52 -15.92
N ARG A 470 -14.46 -28.37 -15.51
CA ARG A 470 -15.46 -28.24 -14.37
C ARG A 470 -16.60 -29.20 -14.58
N ASN A 471 -16.95 -29.91 -13.50
CA ASN A 471 -17.99 -30.96 -13.53
C ASN A 471 -19.19 -30.67 -12.59
N TRP A 472 -19.30 -29.46 -12.13
CA TRP A 472 -20.41 -29.01 -11.26
C TRP A 472 -21.05 -27.82 -11.80
N GLU A 473 -22.23 -27.48 -11.27
CA GLU A 473 -22.91 -26.21 -11.32
C GLU A 473 -23.11 -25.68 -9.92
N ALA A 474 -23.03 -24.40 -9.71
CA ALA A 474 -23.36 -23.85 -8.37
C ALA A 474 -24.86 -24.05 -8.10
N ALA A 475 -25.14 -24.34 -6.81
CA ALA A 475 -26.50 -24.32 -6.23
C ALA A 475 -26.85 -22.92 -5.82
N ASP A 476 -26.96 -22.02 -6.81
CA ASP A 476 -27.26 -20.63 -6.58
C ASP A 476 -28.31 -20.16 -7.57
N PHE A 477 -28.84 -18.96 -7.38
CA PHE A 477 -29.86 -18.45 -8.29
C PHE A 477 -29.30 -18.37 -9.73
N ASN A 478 -28.05 -17.92 -9.84
CA ASN A 478 -27.49 -17.72 -11.21
C ASN A 478 -27.35 -19.00 -11.95
N GLN A 479 -26.92 -20.10 -11.35
CA GLN A 479 -26.53 -21.27 -12.11
C GLN A 479 -27.50 -22.43 -12.01
N SER A 480 -28.47 -22.37 -11.10
N SER A 480 -28.45 -22.44 -11.06
CA SER A 480 -29.34 -23.50 -10.93
CA SER A 480 -29.37 -23.59 -10.95
C SER A 480 -30.71 -23.35 -11.55
C SER A 480 -30.74 -23.39 -11.59
N TYR A 481 -30.92 -22.30 -12.35
CA TYR A 481 -32.20 -22.00 -12.97
C TYR A 481 -31.93 -21.47 -14.39
N PRO A 482 -32.81 -21.76 -15.35
CA PRO A 482 -32.56 -21.24 -16.77
C PRO A 482 -32.80 -19.81 -16.82
N GLU A 483 -32.19 -19.21 -17.91
CA GLU A 483 -32.26 -17.78 -18.09
C GLU A 483 -33.67 -17.19 -18.14
N ASP A 484 -34.57 -17.82 -18.86
N ASP A 484 -34.54 -17.85 -18.87
CA ASP A 484 -35.92 -17.22 -18.99
CA ASP A 484 -35.88 -17.31 -19.04
C ASP A 484 -36.70 -17.20 -17.66
C ASP A 484 -36.62 -17.12 -17.62
N LEU A 485 -36.44 -18.23 -16.83
CA LEU A 485 -37.07 -18.26 -15.48
C LEU A 485 -36.47 -17.22 -14.58
N LYS A 486 -35.13 -17.11 -14.61
CA LYS A 486 -34.51 -16.10 -13.78
C LYS A 486 -35.09 -14.66 -14.03
N GLN A 487 -35.16 -14.39 -15.39
CA GLN A 487 -35.67 -13.07 -15.80
C GLN A 487 -37.14 -12.80 -15.42
N LYS A 488 -37.93 -13.88 -15.50
CA LYS A 488 -39.34 -13.81 -15.09
C LYS A 488 -39.42 -13.46 -13.59
N VAL A 489 -38.62 -14.18 -12.76
CA VAL A 489 -38.55 -13.90 -11.32
C VAL A 489 -38.18 -12.48 -11.02
N LEU A 490 -37.09 -12.01 -11.67
CA LEU A 490 -36.66 -10.65 -11.45
C LEU A 490 -37.73 -9.55 -11.93
N ASP A 491 -38.36 -9.89 -13.05
CA ASP A 491 -39.32 -8.90 -13.59
C ASP A 491 -40.54 -8.84 -12.69
N ASN A 492 -40.88 -9.97 -11.98
CA ASN A 492 -42.10 -10.02 -11.13
C ASN A 492 -41.80 -9.79 -9.64
N TRP A 493 -40.56 -9.48 -9.29
CA TRP A 493 -40.10 -9.44 -7.89
C TRP A 493 -40.84 -8.51 -7.01
N THR A 494 -40.88 -7.20 -7.45
CA THR A 494 -41.54 -6.20 -6.63
C THR A 494 -43.03 -6.31 -6.74
N LYS A 495 -43.60 -6.78 -7.81
CA LYS A 495 -45.00 -7.14 -8.03
C LYS A 495 -45.50 -8.08 -6.99
N MET A 496 -44.74 -9.17 -6.81
CA MET A 496 -45.15 -10.27 -5.95
C MET A 496 -45.14 -9.78 -4.55
N GLY A 497 -44.38 -8.77 -4.11
CA GLY A 497 -44.12 -8.24 -2.75
C GLY A 497 -42.76 -8.15 -2.13
N PHE A 498 -41.68 -8.49 -2.84
CA PHE A 498 -40.36 -8.56 -2.30
C PHE A 498 -39.62 -7.20 -2.43
N SER A 499 -38.40 -7.01 -1.95
CA SER A 499 -37.70 -5.70 -2.05
C SER A 499 -36.77 -5.78 -3.18
N HIS A 503 -30.55 0.47 -4.86
CA HIS A 503 -30.16 1.14 -6.11
C HIS A 503 -28.63 1.17 -6.26
N HIS A 504 -28.14 0.87 -7.47
CA HIS A 504 -26.72 0.71 -7.75
C HIS A 504 -25.83 1.88 -7.29
N HIS A 505 -26.22 3.14 -7.48
CA HIS A 505 -25.28 4.21 -7.08
C HIS A 505 -25.37 4.61 -5.58
N HIS A 506 -26.44 4.21 -4.87
CA HIS A 506 -26.70 4.57 -3.44
C9 4LU B . 3.06 0.97 2.84
C8 4LU B . 1.97 1.79 3.13
C7 4LU B . 1.76 2.33 4.42
C10 4LU B . 6.01 -0.47 4.56
C6 4LU B . 2.70 1.96 5.46
N3 4LU B . 8.06 -0.61 6.26
C2 4LU B . 8.12 -1.36 5.06
C13 4LU B . 1.38 3.10 7.49
C5 4LU B . 2.67 2.51 6.90
C1 4LU B . 4.43 0.90 7.47
O2 4LU B . 9.24 -1.65 4.74
N1 4LU B . 7.08 -1.17 4.17
C4 4LU B . 6.90 0.01 6.66
O4 4LU B . 7.10 0.50 7.88
C4A 4LU B . 5.88 0.11 5.81
N5 4LU B . 4.67 0.68 6.10
C3 4LU B . 3.05 1.38 7.81
C12 4LU B . 3.74 3.63 6.98
C5A 4LU B . 3.73 1.10 5.14
C7M 4LU B . 0.62 3.29 4.64
C8M 4LU B . 0.96 2.08 2.03
C9A 4LU B . 3.94 0.61 3.88
N10 4LU B . 4.99 -0.32 3.61
C1' 4LU B . 5.05 -1.16 2.42
C2' 4LU B . 6.01 -0.74 1.31
O2' 4LU B . 5.74 0.62 0.94
C3' 4LU B . 5.94 -1.64 0.13
O3' 4LU B . 6.40 -2.95 0.56
C4' 4LU B . 6.79 -1.13 -1.05
O4' 4LU B . 6.85 -2.21 -2.05
C5' 4LU B . 8.22 -0.74 -0.67
O5' 4LU B . 8.88 -0.15 -1.84
P 4LU B . 10.14 -0.89 -2.50
O2P 4LU B . 9.57 -2.05 -3.31
O3P 4LU B . 10.69 0.20 -3.42
O1P 4LU B . 11.08 -1.34 -1.40
MN MN C . 11.60 0.09 -5.42
K K D . 8.20 1.15 -4.43
K K E . -8.38 -29.04 -4.36
CA F5C F . 5.18 -2.08 8.73
CB F5C F . 4.94 -2.65 7.47
CG F5C F . 5.73 -3.25 6.55
CD1 F5C F . 7.05 -3.65 6.40
FD1 F5C F . 7.99 -3.54 7.43
CD2 F5C F . 4.88 -3.47 5.53
FD2 F5C F . 3.82 -3.03 5.63
CE1 F5C F . 7.49 -4.35 5.30
FE1 F5C F . 8.80 -4.75 5.27
CE2 F5C F . 5.32 -4.11 4.39
FE2 F5C F . 4.50 -4.31 3.37
CZ F5C F . 6.62 -4.56 4.23
FZ F5C F . 7.02 -5.14 3.21
C F5C F . 3.83 -1.80 9.47
O F5C F . 4.19 -1.17 10.38
OXT F5C F . 2.54 -2.13 9.08
#